data_9FPA
#
_entry.id   9FPA
#
_cell.length_a   54.220
_cell.length_b   108.180
_cell.length_c   149.610
_cell.angle_alpha   90.00
_cell.angle_beta   90.00
_cell.angle_gamma   90.00
#
_symmetry.space_group_name_H-M   'P 21 21 21'
#
loop_
_entity.id
_entity.type
_entity.pdbx_description
1 polymer Ubiquitin
2 polymer 'Peptidase C39-like domain-containing protein'
3 non-polymer 'CITRIC ACID'
4 water water
#
loop_
_entity_poly.entity_id
_entity_poly.type
_entity_poly.pdbx_seq_one_letter_code
_entity_poly.pdbx_strand_id
1 'polypeptide(L)'
;MQIFVKTLTGKTITLEVEPSDTIENVKAKIQDKEGIPPDQQRLIFAGKQLEDGRTLSDYNIQKESTLHLVLRLRGGMQIF
VKTLTGKTITLEVEPSDTIENVKAKIQDKEGIPPDQQRLIFAGKQLEDGRTLSDYNIQKESTLHLVLRLRGG
;
B
2 'polypeptide(L)'
;KTQPSTTQKVENTAKTLFKPDLKSPPMNPQWLTEEQIKKMSPDEQGNLIDTYAARKINAASDLTHAQLRGMIGSTAASHI
AIVNAQETGLGHAGRYAINNALQQEALSQNEFLSLTGQIFSNQLGMSLADVKNLIQNQDDFGIDTGVLAQILKQKFNQPV
KESKICDLPDCALSKQQAVENYIGKAKWVIVANIGTEVFDMPSSTHAVYPLTRGHFVALRRDADNRWWYLDSRGKNPVNI
ALAIIPRTCTLIVPL
;
C,A
#
# COMPACT_ATOMS: atom_id res chain seq x y z
N MET A 1 32.49 -12.10 36.83
CA MET A 1 32.97 -12.78 35.59
C MET A 1 32.69 -11.84 34.43
N GLN A 2 33.74 -11.48 33.70
CA GLN A 2 33.60 -10.72 32.47
C GLN A 2 33.40 -11.69 31.32
N ILE A 3 32.52 -11.30 30.40
CA ILE A 3 32.48 -11.88 29.06
C ILE A 3 32.46 -10.73 28.07
N PHE A 4 32.78 -11.06 26.83
CA PHE A 4 32.80 -10.11 25.74
C PHE A 4 31.72 -10.47 24.74
N VAL A 5 31.18 -9.44 24.09
CA VAL A 5 30.18 -9.61 23.02
C VAL A 5 30.65 -8.80 21.83
N LYS A 6 30.88 -9.48 20.70
CA LYS A 6 31.45 -8.89 19.49
C LYS A 6 30.48 -8.96 18.33
N THR A 7 30.41 -7.87 17.54
CA THR A 7 29.62 -7.83 16.33
C THR A 7 30.50 -8.01 15.10
N LEU A 8 29.84 -8.17 13.95
CA LEU A 8 30.58 -8.24 12.69
C LEU A 8 31.21 -6.90 12.33
N THR A 9 30.64 -5.80 12.79
CA THR A 9 31.22 -4.49 12.56
C THR A 9 32.49 -4.23 13.36
N GLY A 10 32.87 -5.14 14.26
CA GLY A 10 34.06 -4.98 15.08
C GLY A 10 33.82 -4.45 16.47
N LYS A 11 32.64 -3.89 16.75
CA LYS A 11 32.37 -3.35 18.07
C LYS A 11 32.34 -4.48 19.11
N THR A 12 32.97 -4.22 20.25
CA THR A 12 33.03 -5.18 21.35
C THR A 12 32.56 -4.49 22.61
N ILE A 13 31.66 -5.13 23.34
CA ILE A 13 31.30 -4.66 24.67
C ILE A 13 31.62 -5.74 25.70
N THR A 14 31.69 -5.28 26.95
CA THR A 14 31.98 -6.12 28.10
C THR A 14 30.78 -6.15 29.02
N LEU A 15 30.44 -7.34 29.49
CA LEU A 15 29.37 -7.53 30.44
C LEU A 15 29.91 -8.25 31.68
N GLU A 16 29.34 -7.91 32.83
CA GLU A 16 29.55 -8.62 34.09
C GLU A 16 28.35 -9.56 34.29
N VAL A 17 28.64 -10.85 34.43
CA VAL A 17 27.61 -11.90 34.50
C VAL A 17 28.03 -12.97 35.49
N GLU A 18 27.07 -13.83 35.83
CA GLU A 18 27.30 -15.04 36.60
C GLU A 18 27.02 -16.26 35.72
N PRO A 19 27.69 -17.39 35.96
CA PRO A 19 27.36 -18.60 35.20
C PRO A 19 25.87 -18.93 35.21
N SER A 20 25.15 -18.52 36.25
CA SER A 20 23.73 -18.79 36.41
C SER A 20 22.83 -17.84 35.64
N ASP A 21 23.38 -16.80 35.01
CA ASP A 21 22.55 -15.89 34.22
C ASP A 21 21.93 -16.61 33.02
N THR A 22 20.64 -16.37 32.82
CA THR A 22 19.96 -16.83 31.62
C THR A 22 20.37 -16.00 30.40
N ILE A 23 20.31 -16.65 29.23
CA ILE A 23 20.49 -15.94 27.96
C ILE A 23 19.58 -14.73 27.90
N GLU A 24 18.36 -14.89 28.40
CA GLU A 24 17.42 -13.78 28.45
C GLU A 24 18.00 -12.59 29.23
N ASN A 25 18.59 -12.84 30.41
CA ASN A 25 19.11 -11.71 31.16
C ASN A 25 20.35 -11.11 30.49
N VAL A 26 21.13 -11.92 29.78
CA VAL A 26 22.25 -11.36 29.04
C VAL A 26 21.76 -10.40 27.96
N LYS A 27 20.69 -10.77 27.24
CA LYS A 27 20.17 -9.86 26.21
C LYS A 27 19.65 -8.57 26.83
N ALA A 28 19.06 -8.66 28.02
CA ALA A 28 18.56 -7.47 28.69
C ALA A 28 19.70 -6.54 29.11
N LYS A 29 20.82 -7.12 29.55
CA LYS A 29 21.99 -6.28 29.84
C LYS A 29 22.48 -5.57 28.57
N ILE A 30 22.47 -6.27 27.44
CA ILE A 30 22.89 -5.66 26.18
C ILE A 30 21.94 -4.52 25.82
N GLN A 31 20.64 -4.72 26.04
CA GLN A 31 19.67 -3.65 25.80
C GLN A 31 19.95 -2.45 26.69
N ASP A 32 20.23 -2.69 27.98
CA ASP A 32 20.51 -1.56 28.87
C ASP A 32 21.71 -0.75 28.39
N LYS A 33 22.72 -1.40 27.81
CA LYS A 33 23.95 -0.72 27.41
C LYS A 33 23.86 -0.08 26.02
N GLU A 34 23.20 -0.77 25.08
CA GLU A 34 23.24 -0.40 23.68
C GLU A 34 21.90 0.01 23.09
N GLY A 35 20.79 -0.20 23.79
CA GLY A 35 19.49 0.16 23.26
C GLY A 35 18.86 -0.83 22.30
N ILE A 36 19.42 -2.04 22.17
CA ILE A 36 18.96 -3.02 21.20
C ILE A 36 17.99 -3.98 21.90
N PRO A 37 16.75 -4.08 21.47
CA PRO A 37 15.80 -4.96 22.15
C PRO A 37 16.13 -6.41 21.93
N PRO A 38 15.71 -7.29 22.86
CA PRO A 38 16.07 -8.71 22.73
C PRO A 38 15.61 -9.35 21.42
N ASP A 39 14.44 -9.01 20.88
CA ASP A 39 14.02 -9.67 19.66
C ASP A 39 14.88 -9.29 18.45
N GLN A 40 15.71 -8.24 18.57
CA GLN A 40 16.65 -7.86 17.52
C GLN A 40 18.06 -8.41 17.76
N GLN A 41 18.24 -9.37 18.67
CA GLN A 41 19.54 -9.94 19.00
C GLN A 41 19.57 -11.44 18.71
N ARG A 42 20.63 -11.90 18.03
CA ARG A 42 20.97 -13.30 17.89
C ARG A 42 22.37 -13.49 18.45
N LEU A 43 22.50 -14.28 19.53
CA LEU A 43 23.79 -14.57 20.17
C LEU A 43 24.29 -15.94 19.74
N ILE A 44 25.58 -16.02 19.39
CA ILE A 44 26.24 -17.24 18.94
C ILE A 44 27.46 -17.51 19.81
N PHE A 45 27.65 -18.77 20.20
CA PHE A 45 28.85 -19.22 20.91
C PHE A 45 29.23 -20.61 20.45
N ALA A 46 30.49 -20.79 20.09
CA ALA A 46 30.96 -22.08 19.54
C ALA A 46 30.08 -22.53 18.38
N GLY A 47 29.72 -21.59 17.52
CA GLY A 47 28.98 -21.90 16.31
C GLY A 47 27.51 -22.22 16.53
N LYS A 48 27.02 -22.08 17.76
CA LYS A 48 25.66 -22.47 18.13
C LYS A 48 24.84 -21.25 18.54
N GLN A 49 23.58 -21.21 18.11
CA GLN A 49 22.68 -20.13 18.51
C GLN A 49 22.15 -20.41 19.92
N LEU A 50 22.21 -19.42 20.80
CA LEU A 50 21.83 -19.59 22.20
C LEU A 50 20.34 -19.31 22.39
N GLU A 51 19.71 -20.09 23.28
CA GLU A 51 18.27 -20.01 23.53
C GLU A 51 17.97 -19.36 24.88
N ASP A 52 16.84 -18.63 24.90
CA ASP A 52 16.58 -17.68 25.98
C ASP A 52 16.47 -18.33 27.36
N GLY A 53 16.04 -19.58 27.41
CA GLY A 53 15.73 -20.20 28.69
C GLY A 53 16.86 -20.96 29.33
N ARG A 54 18.03 -20.96 28.72
CA ARG A 54 19.18 -21.66 29.24
C ARG A 54 20.15 -20.66 29.86
N THR A 55 21.16 -21.18 30.55
CA THR A 55 22.11 -20.37 31.30
C THR A 55 23.46 -20.38 30.59
N LEU A 56 24.29 -19.39 30.92
CA LEU A 56 25.65 -19.38 30.41
C LEU A 56 26.37 -20.69 30.72
N SER A 57 26.11 -21.26 31.89
CA SER A 57 26.79 -22.50 32.27
C SER A 57 26.29 -23.67 31.44
N ASP A 58 25.03 -23.65 30.99
CA ASP A 58 24.54 -24.68 30.08
C ASP A 58 25.39 -24.77 28.81
N TYR A 59 26.00 -23.67 28.39
CA TYR A 59 26.82 -23.62 27.18
C TYR A 59 28.32 -23.61 27.49
N ASN A 60 28.70 -23.83 28.75
CA ASN A 60 30.10 -23.83 29.15
C ASN A 60 30.79 -22.48 28.88
N ILE A 61 30.04 -21.39 28.97
CA ILE A 61 30.61 -20.06 28.80
C ILE A 61 31.30 -19.65 30.11
N GLN A 62 32.55 -19.22 30.00
CA GLN A 62 33.40 -18.93 31.16
C GLN A 62 34.01 -17.54 31.03
N LYS A 63 34.79 -17.16 32.05
CA LYS A 63 35.37 -15.83 32.09
C LYS A 63 36.27 -15.60 30.88
N GLU A 64 36.15 -14.42 30.27
CA GLU A 64 36.87 -13.99 29.08
C GLU A 64 36.34 -14.68 27.82
N SER A 65 35.30 -15.48 27.91
CA SER A 65 34.66 -16.00 26.71
C SER A 65 34.18 -14.85 25.85
N THR A 66 34.09 -15.11 24.55
CA THR A 66 33.57 -14.15 23.59
C THR A 66 32.32 -14.72 22.92
N LEU A 67 31.24 -13.96 22.99
CA LEU A 67 30.00 -14.28 22.31
C LEU A 67 29.88 -13.42 21.06
N HIS A 68 29.24 -13.96 20.04
CA HIS A 68 29.00 -13.22 18.80
C HIS A 68 27.56 -12.74 18.75
N LEU A 69 27.38 -11.45 18.46
CA LEU A 69 26.08 -10.83 18.30
C LEU A 69 25.87 -10.46 16.83
N VAL A 70 24.80 -10.98 16.25
CA VAL A 70 24.35 -10.59 14.92
C VAL A 70 22.90 -10.13 15.07
N LEU A 71 22.63 -8.87 14.70
CA LEU A 71 21.28 -8.37 14.91
C LEU A 71 20.32 -9.03 13.92
N ARG A 72 19.06 -9.08 14.33
CA ARG A 72 17.99 -9.71 13.58
C ARG A 72 17.00 -8.60 13.20
N LEU A 73 17.16 -8.05 12.00
CA LEU A 73 16.31 -6.95 11.54
C LEU A 73 15.33 -7.51 10.51
N ARG A 74 14.10 -7.81 11.00
CA ARG A 74 13.01 -8.37 10.22
C ARG A 74 11.66 -7.75 10.62
N GLY A 75 11.66 -6.48 10.99
CA GLY A 75 10.42 -5.79 11.33
C GLY A 75 9.38 -5.87 10.23
N GLY A 76 8.13 -5.73 10.65
CA GLY A 76 6.99 -5.65 9.75
C GLY A 76 5.91 -6.66 10.07
N MET A 77 4.67 -6.32 9.75
CA MET A 77 3.51 -7.19 9.96
C MET A 77 2.59 -7.05 8.75
N GLN A 78 1.99 -8.17 8.37
CA GLN A 78 1.12 -8.22 7.21
C GLN A 78 -0.21 -8.84 7.58
N ILE A 79 -1.28 -8.35 6.96
CA ILE A 79 -2.60 -8.94 7.07
C ILE A 79 -3.18 -9.03 5.66
N PHE A 80 -4.27 -9.80 5.55
CA PHE A 80 -4.94 -10.06 4.28
C PHE A 80 -6.37 -9.52 4.35
N VAL A 81 -6.86 -9.03 3.21
CA VAL A 81 -8.22 -8.52 3.07
C VAL A 81 -8.85 -9.21 1.86
N LYS A 82 -9.98 -9.87 2.08
CA LYS A 82 -10.64 -10.64 1.04
C LYS A 82 -11.92 -9.94 0.60
N THR A 83 -12.12 -9.84 -0.71
CA THR A 83 -13.30 -9.21 -1.28
C THR A 83 -14.30 -10.26 -1.76
N LEU A 84 -15.47 -9.78 -2.17
CA LEU A 84 -16.51 -10.67 -2.66
C LEU A 84 -16.31 -11.10 -4.12
N THR A 85 -15.38 -10.47 -4.84
CA THR A 85 -14.96 -11.00 -6.13
C THR A 85 -13.98 -12.17 -6.00
N GLY A 86 -13.59 -12.56 -4.79
CA GLY A 86 -12.58 -13.58 -4.58
C GLY A 86 -11.16 -13.07 -4.49
N LYS A 87 -10.94 -11.77 -4.72
CA LYS A 87 -9.63 -11.19 -4.66
C LYS A 87 -9.14 -11.13 -3.22
N THR A 88 -7.87 -11.44 -3.01
CA THR A 88 -7.20 -11.28 -1.73
C THR A 88 -6.13 -10.20 -1.85
N ILE A 89 -6.15 -9.24 -0.94
CA ILE A 89 -5.22 -8.11 -0.90
C ILE A 89 -4.30 -8.28 0.30
N THR A 90 -3.01 -8.02 0.10
CA THR A 90 -2.04 -8.04 1.19
C THR A 90 -1.67 -6.61 1.59
N LEU A 91 -1.61 -6.36 2.92
CA LEU A 91 -1.36 -5.03 3.46
C LEU A 91 -0.23 -5.03 4.48
N GLU A 92 0.60 -3.98 4.43
CA GLU A 92 1.65 -3.77 5.43
C GLU A 92 1.14 -2.83 6.52
N VAL A 93 1.15 -3.31 7.77
CA VAL A 93 0.48 -2.64 8.88
C VAL A 93 1.33 -2.75 10.15
N GLU A 94 0.90 -2.01 11.18
CA GLU A 94 1.41 -2.04 12.53
C GLU A 94 0.27 -2.44 13.48
N PRO A 95 0.56 -3.11 14.59
CA PRO A 95 -0.51 -3.41 15.54
C PRO A 95 -1.27 -2.16 15.97
N SER A 96 -0.59 -1.01 16.02
CA SER A 96 -1.20 0.26 16.43
C SER A 96 -1.95 0.98 15.31
N ASP A 97 -2.01 0.45 14.09
CA ASP A 97 -2.78 1.12 13.03
C ASP A 97 -4.26 1.21 13.38
N THR A 98 -4.85 2.37 13.16
CA THR A 98 -6.30 2.50 13.24
C THR A 98 -6.96 1.84 12.04
N ILE A 99 -8.24 1.49 12.21
CA ILE A 99 -9.01 1.02 11.07
C ILE A 99 -9.04 2.09 9.97
N GLU A 100 -9.04 3.37 10.38
CA GLU A 100 -8.98 4.45 9.40
C GLU A 100 -7.76 4.34 8.49
N ASN A 101 -6.56 4.15 9.08
CA ASN A 101 -5.37 4.05 8.24
C ASN A 101 -5.37 2.78 7.40
N VAL A 102 -5.98 1.69 7.90
CA VAL A 102 -6.09 0.48 7.10
C VAL A 102 -6.95 0.71 5.86
N LYS A 103 -8.06 1.45 6.01
CA LYS A 103 -8.88 1.78 4.85
C LYS A 103 -8.14 2.69 3.87
N ALA A 104 -7.28 3.59 4.38
CA ALA A 104 -6.46 4.37 3.45
C ALA A 104 -5.50 3.48 2.67
N LYS A 105 -4.99 2.41 3.31
CA LYS A 105 -4.05 1.52 2.64
C LYS A 105 -4.74 0.73 1.54
N ILE A 106 -6.00 0.35 1.76
CA ILE A 106 -6.81 -0.27 0.72
C ILE A 106 -7.08 0.71 -0.42
N GLN A 107 -7.33 1.98 -0.09
CA GLN A 107 -7.54 2.97 -1.15
C GLN A 107 -6.30 3.12 -2.02
N ASP A 108 -5.12 3.20 -1.39
CA ASP A 108 -3.89 3.28 -2.17
C ASP A 108 -3.71 2.09 -3.11
N LYS A 109 -4.17 0.90 -2.71
CA LYS A 109 -4.00 -0.27 -3.54
C LYS A 109 -5.11 -0.46 -4.58
N GLU A 110 -6.36 -0.11 -4.27
CA GLU A 110 -7.49 -0.46 -5.13
C GLU A 110 -8.29 0.74 -5.65
N GLY A 111 -8.05 1.95 -5.15
CA GLY A 111 -8.82 3.10 -5.56
C GLY A 111 -10.18 3.24 -4.90
N ILE A 112 -10.49 2.44 -3.89
CA ILE A 112 -11.79 2.44 -3.25
C ILE A 112 -11.79 3.52 -2.15
N PRO A 113 -12.63 4.54 -2.23
CA PRO A 113 -12.68 5.53 -1.16
C PRO A 113 -12.97 4.85 0.18
N PRO A 114 -12.39 5.36 1.27
CA PRO A 114 -12.70 4.77 2.58
C PRO A 114 -14.17 4.85 2.96
N ASP A 115 -14.85 5.98 2.65
CA ASP A 115 -16.26 6.08 3.01
C ASP A 115 -17.13 5.04 2.32
N GLN A 116 -16.63 4.35 1.29
CA GLN A 116 -17.35 3.26 0.66
C GLN A 116 -16.93 1.87 1.14
N GLN A 117 -16.05 1.76 2.13
CA GLN A 117 -15.56 0.48 2.62
C GLN A 117 -16.20 0.12 3.97
N ARG A 118 -16.59 -1.14 4.12
CA ARG A 118 -16.92 -1.72 5.42
C ARG A 118 -16.01 -2.92 5.64
N LEU A 119 -15.36 -2.98 6.80
CA LEU A 119 -14.46 -4.07 7.13
C LEU A 119 -15.05 -4.90 8.26
N ILE A 120 -14.90 -6.21 8.15
CA ILE A 120 -15.50 -7.18 9.06
C ILE A 120 -14.44 -8.17 9.51
N PHE A 121 -14.44 -8.48 10.80
CA PHE A 121 -13.53 -9.47 11.37
C PHE A 121 -14.21 -10.11 12.56
N ALA A 122 -14.14 -11.44 12.63
CA ALA A 122 -14.80 -12.18 13.71
C ALA A 122 -16.29 -11.86 13.73
N GLY A 123 -16.88 -11.76 12.55
CA GLY A 123 -18.31 -11.54 12.40
C GLY A 123 -18.81 -10.19 12.86
N LYS A 124 -17.96 -9.17 12.87
CA LYS A 124 -18.34 -7.86 13.37
C LYS A 124 -17.76 -6.76 12.49
N GLN A 125 -18.52 -5.67 12.36
CA GLN A 125 -18.06 -4.48 11.67
C GLN A 125 -17.08 -3.70 12.55
N LEU A 126 -16.01 -3.21 11.95
CA LEU A 126 -14.95 -2.53 12.67
C LEU A 126 -15.08 -1.02 12.56
N GLU A 127 -14.90 -0.33 13.69
CA GLU A 127 -15.04 1.12 13.77
C GLU A 127 -13.71 1.82 13.49
N ASP A 128 -13.79 3.01 12.88
CA ASP A 128 -12.61 3.64 12.29
C ASP A 128 -11.56 4.00 13.34
N GLY A 129 -11.99 4.44 14.52
CA GLY A 129 -11.05 4.95 15.51
C GLY A 129 -10.38 3.93 16.42
N ARG A 130 -10.69 2.64 16.28
CA ARG A 130 -10.02 1.59 17.04
C ARG A 130 -8.88 0.99 16.23
N THR A 131 -7.94 0.35 16.93
CA THR A 131 -6.72 -0.19 16.34
C THR A 131 -6.85 -1.69 16.07
N LEU A 132 -5.93 -2.21 15.25
CA LEU A 132 -5.86 -3.64 15.02
C LEU A 132 -5.70 -4.39 16.34
N SER A 133 -4.81 -3.90 17.22
CA SER A 133 -4.59 -4.56 18.50
C SER A 133 -5.86 -4.55 19.36
N ASP A 134 -6.59 -3.43 19.38
CA ASP A 134 -7.88 -3.39 20.07
C ASP A 134 -8.78 -4.55 19.67
N TYR A 135 -8.75 -4.96 18.40
CA TYR A 135 -9.59 -6.03 17.91
C TYR A 135 -8.87 -7.37 17.89
N ASN A 136 -7.69 -7.46 18.50
CA ASN A 136 -6.93 -8.71 18.56
C ASN A 136 -6.69 -9.31 17.18
N ILE A 137 -6.40 -8.45 16.20
CA ILE A 137 -6.06 -8.87 14.84
C ILE A 137 -4.54 -9.07 14.77
N GLN A 138 -4.12 -10.31 14.53
CA GLN A 138 -2.72 -10.71 14.56
C GLN A 138 -2.14 -10.79 13.15
N LYS A 139 -0.86 -11.15 13.06
CA LYS A 139 -0.23 -11.29 11.76
C LYS A 139 -0.92 -12.36 10.94
N GLU A 140 -1.16 -12.05 9.67
CA GLU A 140 -1.76 -12.97 8.71
C GLU A 140 -3.20 -13.31 9.05
N SER A 141 -3.86 -12.48 9.86
CA SER A 141 -5.30 -12.55 9.98
C SER A 141 -5.94 -12.12 8.67
N THR A 142 -7.19 -12.52 8.47
CA THR A 142 -7.93 -12.17 7.28
C THR A 142 -9.18 -11.38 7.64
N LEU A 143 -9.35 -10.24 7.00
CA LEU A 143 -10.52 -9.39 7.10
C LEU A 143 -11.34 -9.51 5.83
N HIS A 144 -12.62 -9.17 5.94
CA HIS A 144 -13.56 -9.19 4.82
C HIS A 144 -13.96 -7.77 4.44
N LEU A 145 -13.84 -7.45 3.16
CA LEU A 145 -14.23 -6.14 2.66
C LEU A 145 -15.60 -6.21 1.99
N VAL A 146 -16.50 -5.31 2.37
CA VAL A 146 -17.81 -5.15 1.74
C VAL A 146 -18.04 -3.67 1.46
N LEU A 147 -18.57 -3.37 0.28
CA LEU A 147 -18.73 -2.00 -0.19
C LEU A 147 -20.17 -1.52 0.03
N ARG A 148 -20.31 -0.36 0.67
CA ARG A 148 -21.59 0.23 0.99
C ARG A 148 -21.48 1.74 0.80
N LEU A 149 -22.63 2.39 0.58
CA LEU A 149 -22.67 3.83 0.38
C LEU A 149 -23.66 4.49 1.33
N ARG A 150 -23.27 5.62 1.88
CA ARG A 150 -24.12 6.46 2.71
C ARG A 150 -25.60 6.33 2.40
N ASN B 28 -10.37 27.13 -20.33
CA ASN B 28 -9.72 26.52 -21.48
C ASN B 28 -10.75 25.76 -22.33
N PRO B 29 -11.53 24.86 -21.73
CA PRO B 29 -12.53 24.13 -22.51
C PRO B 29 -13.80 24.93 -22.72
N GLN B 30 -13.88 26.13 -22.13
CA GLN B 30 -15.09 26.93 -22.25
C GLN B 30 -15.30 27.37 -23.70
N TRP B 31 -14.23 27.47 -24.48
CA TRP B 31 -14.30 27.94 -25.86
C TRP B 31 -14.44 26.77 -26.86
N LEU B 32 -14.65 25.55 -26.38
CA LEU B 32 -14.86 24.38 -27.23
C LEU B 32 -16.31 24.29 -27.68
N THR B 33 -16.52 24.17 -29.00
CA THR B 33 -17.85 24.13 -29.56
C THR B 33 -18.37 22.70 -29.76
N GLU B 34 -19.69 22.55 -29.75
CA GLU B 34 -20.31 21.25 -30.00
C GLU B 34 -19.83 20.64 -31.32
N GLU B 35 -19.73 21.46 -32.37
CA GLU B 35 -19.28 20.96 -33.67
C GLU B 35 -17.84 20.46 -33.63
N GLN B 36 -16.96 21.19 -32.94
CA GLN B 36 -15.56 20.75 -32.81
C GLN B 36 -15.48 19.38 -32.13
N ILE B 37 -16.25 19.20 -31.05
CA ILE B 37 -16.20 17.95 -30.30
C ILE B 37 -16.75 16.80 -31.13
N LYS B 38 -17.78 17.05 -31.93
CA LYS B 38 -18.34 16.02 -32.80
C LYS B 38 -17.30 15.48 -33.77
N LYS B 39 -16.36 16.34 -34.19
CA LYS B 39 -15.32 15.97 -35.14
C LYS B 39 -14.13 15.28 -34.50
N MET B 40 -14.12 15.15 -33.17
CA MET B 40 -12.99 14.53 -32.49
C MET B 40 -13.06 13.01 -32.54
N SER B 41 -11.91 12.38 -32.36
CA SER B 41 -11.85 10.94 -32.27
C SER B 41 -12.36 10.46 -30.92
N PRO B 42 -12.68 9.17 -30.82
CA PRO B 42 -13.05 8.60 -29.51
C PRO B 42 -12.05 8.90 -28.40
N ASP B 43 -10.76 8.72 -28.67
CA ASP B 43 -9.78 8.96 -27.61
C ASP B 43 -9.73 10.43 -27.21
N GLU B 44 -9.87 11.33 -28.18
CA GLU B 44 -9.90 12.76 -27.86
C GLU B 44 -11.13 13.10 -27.03
N GLN B 45 -12.28 12.53 -27.37
CA GLN B 45 -13.49 12.76 -26.58
C GLN B 45 -13.32 12.19 -25.16
N GLY B 46 -12.70 11.02 -25.05
CA GLY B 46 -12.49 10.46 -23.73
C GLY B 46 -11.55 11.29 -22.87
N ASN B 47 -10.55 11.91 -23.49
CA ASN B 47 -9.69 12.80 -22.72
C ASN B 47 -10.49 13.96 -22.16
N LEU B 48 -11.49 14.47 -22.92
CA LEU B 48 -12.35 15.53 -22.41
C LEU B 48 -13.15 15.05 -21.21
N ILE B 49 -13.71 13.85 -21.29
CA ILE B 49 -14.40 13.28 -20.13
C ILE B 49 -13.45 13.18 -18.94
N ASP B 50 -12.31 12.55 -19.13
CA ASP B 50 -11.42 12.28 -17.99
C ASP B 50 -10.80 13.54 -17.43
N THR B 51 -10.80 14.63 -18.18
CA THR B 51 -10.21 15.87 -17.71
C THR B 51 -11.23 16.89 -17.19
N TYR B 52 -12.42 16.97 -17.79
CA TYR B 52 -13.31 18.10 -17.52
C TYR B 52 -14.71 17.71 -17.09
N ALA B 53 -15.10 16.43 -17.13
CA ALA B 53 -16.49 16.05 -16.90
C ALA B 53 -16.85 15.94 -15.43
N ALA B 54 -15.86 15.91 -14.53
CA ALA B 54 -16.12 15.83 -13.11
C ALA B 54 -16.67 17.14 -12.55
N ARG B 55 -17.73 17.05 -11.76
CA ARG B 55 -18.28 18.20 -11.06
C ARG B 55 -17.39 18.65 -9.91
N LYS B 56 -17.47 19.95 -9.61
CA LYS B 56 -16.92 20.47 -8.36
C LYS B 56 -17.83 20.09 -7.19
N ILE B 57 -17.45 20.53 -5.99
CA ILE B 57 -18.20 20.18 -4.80
C ILE B 57 -19.58 20.81 -4.84
N ASN B 58 -19.66 22.08 -5.25
CA ASN B 58 -20.90 22.84 -5.28
C ASN B 58 -21.01 23.61 -6.58
N ALA B 59 -20.53 23.03 -7.67
CA ALA B 59 -20.63 23.68 -8.97
C ALA B 59 -20.60 22.60 -10.03
N ALA B 60 -21.06 22.95 -11.22
CA ALA B 60 -21.12 21.98 -12.29
C ALA B 60 -19.72 21.70 -12.83
N SER B 61 -19.66 20.74 -13.74
CA SER B 61 -18.41 20.39 -14.40
C SER B 61 -18.03 21.48 -15.39
N ASP B 62 -16.96 21.24 -16.13
CA ASP B 62 -16.51 22.15 -17.18
C ASP B 62 -17.02 21.78 -18.57
N LEU B 63 -18.00 20.88 -18.68
CA LEU B 63 -18.63 20.55 -19.95
C LEU B 63 -20.13 20.80 -19.86
N THR B 64 -20.68 21.52 -20.86
CA THR B 64 -22.11 21.77 -20.93
C THR B 64 -22.86 20.60 -21.59
N HIS B 65 -24.19 20.65 -21.50
CA HIS B 65 -25.05 19.64 -22.10
C HIS B 65 -24.81 19.55 -23.62
N ALA B 66 -24.71 20.72 -24.26
CA ALA B 66 -24.50 20.79 -25.71
C ALA B 66 -23.13 20.27 -26.10
N GLN B 67 -22.09 20.58 -25.33
CA GLN B 67 -20.76 20.04 -25.61
C GLN B 67 -20.75 18.51 -25.52
N LEU B 68 -21.37 17.96 -24.48
CA LEU B 68 -21.48 16.52 -24.36
C LEU B 68 -22.33 15.92 -25.47
N ARG B 69 -23.32 16.67 -25.96
CA ARG B 69 -24.15 16.16 -27.04
C ARG B 69 -23.33 15.91 -28.30
N GLY B 70 -22.21 16.62 -28.47
CA GLY B 70 -21.28 16.37 -29.55
C GLY B 70 -20.60 15.00 -29.49
N MET B 71 -20.70 14.30 -28.37
CA MET B 71 -20.11 12.97 -28.25
C MET B 71 -21.07 11.87 -28.64
N ILE B 72 -22.29 12.22 -29.05
CA ILE B 72 -23.30 11.25 -29.43
C ILE B 72 -23.06 10.84 -30.88
N GLY B 73 -23.12 9.55 -31.15
CA GLY B 73 -23.00 9.06 -32.51
C GLY B 73 -24.32 9.12 -33.23
N SER B 74 -24.98 7.97 -33.37
CA SER B 74 -26.29 7.94 -34.01
C SER B 74 -27.33 8.54 -33.06
N THR B 75 -28.30 9.24 -33.64
CA THR B 75 -29.44 9.77 -32.91
C THR B 75 -30.73 9.07 -33.29
N ALA B 76 -30.62 7.96 -34.03
CA ALA B 76 -31.80 7.21 -34.42
C ALA B 76 -32.26 6.34 -33.27
N ALA B 77 -33.48 5.86 -33.39
CA ALA B 77 -34.11 5.10 -32.31
C ALA B 77 -33.77 3.62 -32.45
N SER B 78 -33.26 3.04 -31.38
CA SER B 78 -32.76 1.68 -31.41
C SER B 78 -33.86 0.71 -31.01
N HIS B 79 -33.63 -0.57 -31.27
CA HIS B 79 -34.46 -1.60 -30.66
C HIS B 79 -34.07 -1.83 -29.19
N ILE B 80 -33.04 -1.12 -28.71
CA ILE B 80 -32.57 -1.23 -27.33
C ILE B 80 -33.36 -0.22 -26.51
N ALA B 81 -33.76 -0.61 -25.31
CA ALA B 81 -34.57 0.25 -24.45
C ALA B 81 -34.05 0.21 -23.02
N ILE B 82 -34.38 1.25 -22.25
CA ILE B 82 -34.17 1.24 -20.81
C ILE B 82 -35.30 0.45 -20.16
N VAL B 83 -34.96 -0.71 -19.58
CA VAL B 83 -35.97 -1.59 -19.01
C VAL B 83 -36.53 -1.02 -17.71
N ASN B 84 -35.67 -0.41 -16.89
CA ASN B 84 -36.05 0.10 -15.57
C ASN B 84 -36.50 -1.05 -14.67
N HIS B 92 -30.78 0.80 -5.46
CA HIS B 92 -31.17 -0.34 -6.28
C HIS B 92 -30.60 -0.32 -7.70
N ALA B 93 -29.57 0.49 -7.91
CA ALA B 93 -29.03 0.63 -9.26
C ALA B 93 -28.42 -0.67 -9.80
N GLY B 94 -27.91 -1.53 -8.92
CA GLY B 94 -27.29 -2.76 -9.39
C GLY B 94 -28.27 -3.69 -10.09
N ARG B 95 -29.47 -3.84 -9.55
CA ARG B 95 -30.45 -4.70 -10.20
C ARG B 95 -30.91 -4.08 -11.51
N TYR B 96 -31.11 -2.75 -11.54
CA TYR B 96 -31.50 -2.11 -12.78
C TYR B 96 -30.43 -2.30 -13.85
N ALA B 97 -29.16 -2.28 -13.46
CA ALA B 97 -28.09 -2.46 -14.44
C ALA B 97 -28.09 -3.87 -15.02
N ILE B 98 -28.36 -4.88 -14.18
CA ILE B 98 -28.44 -6.25 -14.69
C ILE B 98 -29.57 -6.36 -15.71
N ASN B 99 -30.75 -5.83 -15.37
CA ASN B 99 -31.90 -5.96 -16.27
C ASN B 99 -31.65 -5.24 -17.58
N ASN B 100 -31.08 -4.04 -17.50
CA ASN B 100 -30.77 -3.27 -18.71
C ASN B 100 -29.73 -3.98 -19.56
N ALA B 101 -28.71 -4.55 -18.92
CA ALA B 101 -27.66 -5.26 -19.65
C ALA B 101 -28.22 -6.45 -20.42
N LEU B 102 -29.12 -7.21 -19.79
CA LEU B 102 -29.78 -8.34 -20.43
C LEU B 102 -31.03 -7.96 -21.19
N GLN B 103 -31.49 -6.70 -21.05
CA GLN B 103 -32.68 -6.22 -21.79
C GLN B 103 -33.94 -7.00 -21.43
N GLN B 104 -34.13 -7.30 -20.15
CA GLN B 104 -35.36 -7.93 -19.69
C GLN B 104 -35.45 -7.80 -18.17
N GLU B 105 -36.65 -8.11 -17.65
CA GLU B 105 -36.87 -8.18 -16.20
C GLU B 105 -36.40 -9.55 -15.70
N ALA B 106 -35.08 -9.73 -15.73
CA ALA B 106 -34.50 -11.01 -15.34
C ALA B 106 -34.52 -11.22 -13.84
N LEU B 107 -34.29 -10.16 -13.09
CA LEU B 107 -34.02 -10.24 -11.65
C LEU B 107 -34.98 -9.29 -10.93
N SER B 108 -35.90 -9.86 -10.17
CA SER B 108 -36.78 -9.03 -9.37
C SER B 108 -36.02 -8.50 -8.16
N GLN B 109 -36.64 -7.51 -7.49
CA GLN B 109 -35.99 -6.89 -6.33
C GLN B 109 -35.93 -7.86 -5.16
N ASN B 110 -36.97 -8.67 -4.98
CA ASN B 110 -36.96 -9.63 -3.87
C ASN B 110 -35.88 -10.70 -4.08
N GLU B 111 -35.68 -11.14 -5.32
CA GLU B 111 -34.60 -12.07 -5.60
C GLU B 111 -33.24 -11.44 -5.29
N PHE B 112 -33.05 -10.18 -5.70
CA PHE B 112 -31.77 -9.52 -5.49
C PHE B 112 -31.43 -9.48 -4.00
N LEU B 113 -32.41 -9.12 -3.17
CA LEU B 113 -32.17 -8.98 -1.74
C LEU B 113 -31.93 -10.32 -1.06
N SER B 114 -32.64 -11.37 -1.49
CA SER B 114 -32.46 -12.67 -0.84
C SER B 114 -31.11 -13.29 -1.19
N LEU B 115 -30.67 -13.16 -2.45
CA LEU B 115 -29.36 -13.68 -2.82
C LEU B 115 -28.24 -12.93 -2.10
N THR B 116 -28.40 -11.63 -1.91
CA THR B 116 -27.43 -10.87 -1.14
C THR B 116 -27.30 -11.42 0.27
N GLY B 117 -28.43 -11.72 0.92
CA GLY B 117 -28.38 -12.27 2.26
C GLY B 117 -27.64 -13.58 2.33
N GLN B 118 -27.87 -14.47 1.36
CA GLN B 118 -27.15 -15.73 1.34
C GLN B 118 -25.65 -15.49 1.32
N ILE B 119 -25.19 -14.58 0.46
CA ILE B 119 -23.76 -14.33 0.34
C ILE B 119 -23.21 -13.78 1.66
N PHE B 120 -23.89 -12.80 2.24
CA PHE B 120 -23.36 -12.13 3.41
C PHE B 120 -23.22 -13.07 4.60
N SER B 121 -24.20 -13.95 4.80
CA SER B 121 -24.15 -14.79 6.00
C SER B 121 -23.15 -15.93 5.83
N ASN B 122 -23.07 -16.51 4.62
CA ASN B 122 -22.19 -17.65 4.41
C ASN B 122 -20.72 -17.25 4.41
N GLN B 123 -20.40 -16.10 3.81
CA GLN B 123 -19.03 -15.72 3.52
C GLN B 123 -18.42 -14.74 4.51
N LEU B 124 -19.21 -13.92 5.18
CA LEU B 124 -18.68 -12.95 6.11
C LEU B 124 -18.67 -13.44 7.54
N GLY B 125 -19.06 -14.69 7.77
CA GLY B 125 -18.99 -15.24 9.11
C GLY B 125 -19.84 -14.51 10.11
N MET B 126 -20.78 -13.69 9.65
CA MET B 126 -21.59 -12.89 10.54
C MET B 126 -22.73 -13.74 11.11
N SER B 127 -23.20 -13.31 12.28
CA SER B 127 -24.20 -14.06 13.04
C SER B 127 -25.59 -14.05 12.41
N LEU B 128 -25.69 -13.72 11.13
CA LEU B 128 -26.98 -13.64 10.44
C LEU B 128 -27.88 -12.55 11.02
N ALA B 129 -27.88 -12.40 12.34
CA ALA B 129 -28.53 -11.26 12.96
C ALA B 129 -27.79 -9.98 12.58
N ASP B 130 -26.46 -10.03 12.58
CA ASP B 130 -25.67 -8.87 12.17
C ASP B 130 -25.83 -8.63 10.68
N VAL B 131 -25.92 -9.71 9.90
CA VAL B 131 -26.26 -9.59 8.48
C VAL B 131 -27.50 -8.75 8.32
N LYS B 132 -28.51 -9.01 9.17
CA LYS B 132 -29.76 -8.28 9.07
C LYS B 132 -29.55 -6.79 9.34
N ASN B 133 -28.69 -6.45 10.29
CA ASN B 133 -28.44 -5.06 10.59
C ASN B 133 -27.79 -4.35 9.42
N LEU B 134 -26.87 -5.02 8.74
CA LEU B 134 -26.16 -4.42 7.63
C LEU B 134 -27.08 -4.20 6.43
N ILE B 135 -27.98 -5.15 6.16
CA ILE B 135 -28.76 -5.10 4.92
C ILE B 135 -29.93 -4.13 5.04
N GLN B 136 -30.70 -4.23 6.11
CA GLN B 136 -31.94 -3.45 6.20
C GLN B 136 -31.66 -1.98 6.49
N ASN B 137 -30.45 -1.65 6.95
CA ASN B 137 -30.09 -0.26 7.18
C ASN B 137 -30.26 0.46 5.85
N GLN B 138 -31.48 0.95 5.56
CA GLN B 138 -31.76 1.49 4.23
C GLN B 138 -30.81 2.63 3.90
N ASP B 139 -30.42 3.43 4.90
CA ASP B 139 -29.49 4.52 4.66
C ASP B 139 -28.12 4.02 4.25
N ASP B 140 -27.83 2.74 4.45
CA ASP B 140 -26.54 2.15 4.15
C ASP B 140 -26.64 1.04 3.11
N PHE B 141 -27.16 1.31 1.91
CA PHE B 141 -27.36 0.23 0.94
C PHE B 141 -26.07 -0.09 0.18
N GLY B 142 -25.97 -1.36 -0.24
CA GLY B 142 -24.72 -1.87 -0.80
C GLY B 142 -24.49 -1.58 -2.27
N ILE B 143 -23.20 -1.42 -2.61
CA ILE B 143 -22.77 -1.03 -3.95
C ILE B 143 -21.54 -1.85 -4.33
N ASP B 144 -21.66 -3.18 -4.29
CA ASP B 144 -20.52 -4.08 -4.29
C ASP B 144 -20.54 -4.95 -5.54
N THR B 145 -19.47 -4.84 -6.36
CA THR B 145 -19.41 -5.55 -7.62
C THR B 145 -19.22 -7.06 -7.46
N GLY B 146 -18.69 -7.50 -6.32
CA GLY B 146 -18.60 -8.92 -6.06
C GLY B 146 -19.98 -9.54 -5.86
N VAL B 147 -20.89 -8.80 -5.25
CA VAL B 147 -22.27 -9.27 -5.12
C VAL B 147 -22.88 -9.47 -6.51
N LEU B 148 -22.71 -8.48 -7.39
CA LEU B 148 -23.26 -8.61 -8.74
C LEU B 148 -22.67 -9.81 -9.47
N ALA B 149 -21.35 -10.02 -9.35
CA ALA B 149 -20.71 -11.11 -10.05
C ALA B 149 -21.23 -12.46 -9.58
N GLN B 150 -21.41 -12.61 -8.26
CA GLN B 150 -21.88 -13.88 -7.73
C GLN B 150 -23.33 -14.15 -8.12
N ILE B 151 -24.17 -13.11 -8.11
CA ILE B 151 -25.54 -13.27 -8.57
C ILE B 151 -25.56 -13.67 -10.04
N LEU B 152 -24.70 -13.03 -10.86
CA LEU B 152 -24.69 -13.34 -12.28
C LEU B 152 -24.25 -14.79 -12.54
N LYS B 153 -23.27 -15.31 -11.80
CA LYS B 153 -22.86 -16.70 -12.00
C LYS B 153 -23.88 -17.67 -11.43
N GLN B 154 -24.30 -17.46 -10.18
CA GLN B 154 -25.21 -18.41 -9.55
C GLN B 154 -26.52 -18.53 -10.32
N LYS B 155 -27.13 -17.38 -10.65
CA LYS B 155 -28.46 -17.36 -11.22
C LYS B 155 -28.50 -17.54 -12.73
N PHE B 156 -27.54 -16.97 -13.44
CA PHE B 156 -27.54 -16.97 -14.90
C PHE B 156 -26.38 -17.79 -15.47
N ASN B 157 -25.66 -18.50 -14.63
CA ASN B 157 -24.44 -19.20 -15.05
C ASN B 157 -23.64 -18.33 -16.01
N GLN B 158 -23.50 -17.06 -15.64
CA GLN B 158 -22.74 -16.08 -16.42
C GLN B 158 -21.57 -15.59 -15.58
N PRO B 159 -20.39 -16.19 -15.74
CA PRO B 159 -19.20 -15.63 -15.09
C PRO B 159 -18.78 -14.34 -15.75
N VAL B 160 -18.15 -13.46 -14.95
CA VAL B 160 -17.69 -12.16 -15.42
C VAL B 160 -16.25 -11.95 -14.97
N LYS B 161 -15.60 -11.00 -15.62
CA LYS B 161 -14.33 -10.46 -15.17
C LYS B 161 -14.51 -8.96 -14.95
N GLU B 162 -13.62 -8.35 -14.17
CA GLU B 162 -13.70 -6.91 -13.98
C GLU B 162 -12.31 -6.29 -13.90
N SER B 163 -12.23 -5.01 -14.27
CA SER B 163 -11.02 -4.21 -14.16
C SER B 163 -11.40 -2.74 -14.25
N LYS B 164 -10.70 -1.89 -13.50
CA LYS B 164 -10.74 -0.46 -13.78
C LYS B 164 -10.20 -0.23 -15.19
N ILE B 165 -10.82 0.71 -15.92
CA ILE B 165 -10.37 0.97 -17.28
C ILE B 165 -8.91 1.43 -17.30
N CYS B 166 -8.52 2.28 -16.33
CA CYS B 166 -7.16 2.80 -16.32
C CYS B 166 -6.10 1.73 -16.04
N ASP B 167 -6.47 0.58 -15.47
CA ASP B 167 -5.51 -0.49 -15.24
C ASP B 167 -5.38 -1.45 -16.43
N LEU B 168 -6.13 -1.24 -17.50
CA LEU B 168 -6.07 -2.16 -18.63
C LEU B 168 -4.71 -2.04 -19.34
N PRO B 169 -4.24 -3.11 -19.96
CA PRO B 169 -2.93 -3.05 -20.61
C PRO B 169 -2.92 -2.06 -21.76
N ASP B 170 -1.87 -1.25 -21.80
CA ASP B 170 -1.67 -0.19 -22.79
C ASP B 170 -2.86 0.77 -22.92
N CYS B 171 -3.61 0.98 -21.82
CA CYS B 171 -4.64 2.02 -21.85
C CYS B 171 -4.05 3.37 -22.26
N ALA B 172 -2.79 3.61 -21.89
CA ALA B 172 -2.14 4.88 -22.20
C ALA B 172 -1.89 5.08 -23.69
N LEU B 173 -1.71 4.00 -24.46
CA LEU B 173 -1.56 4.16 -25.90
C LEU B 173 -2.89 4.50 -26.59
N SER B 174 -4.00 4.00 -26.08
CA SER B 174 -5.31 4.28 -26.66
C SER B 174 -6.38 3.68 -25.78
N LYS B 175 -7.20 4.55 -25.18
CA LYS B 175 -8.26 4.09 -24.29
C LYS B 175 -9.30 3.29 -25.06
N GLN B 176 -9.71 3.79 -26.22
CA GLN B 176 -10.69 3.07 -27.03
C GLN B 176 -10.20 1.66 -27.38
N GLN B 177 -8.94 1.53 -27.80
CA GLN B 177 -8.44 0.22 -28.20
C GLN B 177 -8.37 -0.74 -27.02
N ALA B 178 -7.89 -0.27 -25.86
CA ALA B 178 -7.80 -1.15 -24.70
C ALA B 178 -9.19 -1.60 -24.24
N VAL B 179 -10.18 -0.71 -24.23
CA VAL B 179 -11.51 -1.12 -23.79
C VAL B 179 -12.10 -2.12 -24.79
N GLU B 180 -11.99 -1.84 -26.10
CA GLU B 180 -12.40 -2.81 -27.10
C GLU B 180 -11.75 -4.17 -26.89
N ASN B 181 -10.43 -4.18 -26.65
CA ASN B 181 -9.74 -5.45 -26.51
C ASN B 181 -10.26 -6.21 -25.28
N TYR B 182 -10.51 -5.50 -24.19
CA TYR B 182 -10.97 -6.17 -22.98
C TYR B 182 -12.37 -6.74 -23.16
N ILE B 183 -13.27 -5.99 -23.80
CA ILE B 183 -14.66 -6.42 -23.96
C ILE B 183 -14.77 -7.56 -24.97
N GLY B 184 -13.96 -7.54 -26.01
CA GLY B 184 -14.01 -8.60 -27.01
C GLY B 184 -15.37 -8.67 -27.68
N LYS B 185 -15.93 -9.87 -27.70
CA LYS B 185 -17.16 -10.19 -28.41
C LYS B 185 -18.42 -10.08 -27.55
N ALA B 186 -18.29 -9.60 -26.31
CA ALA B 186 -19.43 -9.51 -25.41
C ALA B 186 -20.50 -8.57 -25.95
N LYS B 187 -21.75 -8.86 -25.62
CA LYS B 187 -22.87 -8.05 -26.09
C LYS B 187 -23.40 -7.09 -25.04
N TRP B 188 -22.88 -7.13 -23.82
CA TRP B 188 -23.21 -6.16 -22.78
C TRP B 188 -22.04 -6.03 -21.82
N VAL B 189 -22.03 -4.89 -21.11
CA VAL B 189 -21.11 -4.63 -20.01
C VAL B 189 -21.84 -3.82 -18.94
N ILE B 190 -21.32 -3.89 -17.71
CA ILE B 190 -21.81 -3.07 -16.61
C ILE B 190 -20.67 -2.20 -16.10
N VAL B 191 -20.97 -0.94 -15.79
CA VAL B 191 -19.99 0.05 -15.39
C VAL B 191 -20.34 0.52 -13.98
N ALA B 192 -19.33 0.53 -13.09
CA ALA B 192 -19.48 0.97 -11.70
C ALA B 192 -18.48 2.09 -11.38
N ASN B 193 -18.98 3.18 -10.80
CA ASN B 193 -18.13 4.33 -10.45
C ASN B 193 -17.74 4.22 -8.97
N ILE B 194 -16.68 3.46 -8.71
CA ILE B 194 -16.16 3.31 -7.36
C ILE B 194 -15.09 4.38 -7.21
N GLY B 195 -15.40 5.44 -6.48
CA GLY B 195 -14.55 6.61 -6.43
C GLY B 195 -15.33 7.80 -5.89
N THR B 196 -14.62 8.92 -5.81
CA THR B 196 -15.12 10.11 -5.13
C THR B 196 -15.76 11.15 -6.03
N GLU B 197 -15.71 10.97 -7.34
CA GLU B 197 -16.10 11.97 -8.32
C GLU B 197 -17.48 11.70 -8.91
N VAL B 198 -18.16 12.77 -9.32
CA VAL B 198 -19.44 12.70 -10.04
C VAL B 198 -19.21 13.21 -11.47
N PHE B 199 -19.50 12.37 -12.48
CA PHE B 199 -19.19 12.69 -13.87
C PHE B 199 -20.46 13.04 -14.66
N ASP B 200 -20.50 14.24 -15.25
CA ASP B 200 -21.51 14.54 -16.26
C ASP B 200 -21.25 13.64 -17.47
N MET B 201 -22.33 13.20 -18.12
CA MET B 201 -22.25 12.30 -19.26
C MET B 201 -23.24 12.73 -20.34
N PRO B 202 -22.99 12.34 -21.59
CA PRO B 202 -23.95 12.63 -22.66
C PRO B 202 -25.34 12.09 -22.37
N SER B 203 -26.34 12.84 -22.80
CA SER B 203 -27.74 12.49 -22.66
C SER B 203 -28.42 12.70 -24.00
N SER B 204 -29.30 11.77 -24.39
CA SER B 204 -30.04 11.95 -25.63
C SER B 204 -31.31 12.77 -25.44
N THR B 205 -31.48 13.43 -24.29
CA THR B 205 -32.68 14.23 -24.07
C THR B 205 -32.25 15.58 -23.48
N HIS B 206 -33.17 16.23 -22.76
CA HIS B 206 -32.92 17.59 -22.32
C HIS B 206 -32.00 17.69 -21.11
N ALA B 207 -32.05 16.74 -20.18
CA ALA B 207 -31.30 16.87 -18.94
C ALA B 207 -30.02 16.04 -18.97
N VAL B 208 -29.08 16.41 -18.09
CA VAL B 208 -27.87 15.64 -17.84
C VAL B 208 -28.15 14.66 -16.69
N TYR B 209 -27.79 13.40 -16.88
CA TYR B 209 -27.94 12.35 -15.87
C TYR B 209 -26.54 11.89 -15.49
N PRO B 210 -25.94 12.47 -14.45
CA PRO B 210 -24.53 12.22 -14.18
C PRO B 210 -24.28 10.85 -13.57
N LEU B 211 -23.06 10.39 -13.77
CA LEU B 211 -22.58 9.14 -13.15
C LEU B 211 -22.15 9.47 -11.73
N THR B 212 -23.04 9.20 -10.77
CA THR B 212 -22.87 9.59 -9.38
C THR B 212 -22.02 8.57 -8.61
N ARG B 213 -21.67 8.93 -7.38
CA ARG B 213 -20.74 8.09 -6.62
C ARG B 213 -21.40 6.76 -6.30
N GLY B 214 -20.68 5.68 -6.55
CA GLY B 214 -21.18 4.34 -6.34
C GLY B 214 -22.28 3.91 -7.28
N HIS B 215 -22.41 4.54 -8.45
CA HIS B 215 -23.57 4.27 -9.31
C HIS B 215 -23.18 3.17 -10.30
N PHE B 216 -24.17 2.36 -10.67
CA PHE B 216 -24.01 1.31 -11.66
C PHE B 216 -24.85 1.66 -12.89
N VAL B 217 -24.28 1.47 -14.08
CA VAL B 217 -25.01 1.58 -15.34
C VAL B 217 -24.59 0.44 -16.23
N ALA B 218 -25.27 0.33 -17.38
CA ALA B 218 -25.02 -0.74 -18.35
C ALA B 218 -24.91 -0.16 -19.75
N LEU B 219 -24.24 -0.93 -20.62
CA LEU B 219 -24.16 -0.64 -22.03
C LEU B 219 -24.49 -1.90 -22.82
N ARG B 220 -25.19 -1.73 -23.92
CA ARG B 220 -25.69 -2.84 -24.73
C ARG B 220 -25.27 -2.63 -26.16
N ARG B 221 -24.78 -3.70 -26.78
CA ARG B 221 -24.25 -3.69 -28.13
C ARG B 221 -25.36 -4.10 -29.11
N ASP B 222 -25.43 -3.41 -30.25
CA ASP B 222 -26.42 -3.72 -31.27
C ASP B 222 -25.73 -4.42 -32.43
N ALA B 223 -26.51 -4.71 -33.48
CA ALA B 223 -26.02 -5.51 -34.59
C ALA B 223 -25.00 -4.77 -35.44
N ASP B 224 -24.94 -3.44 -35.36
CA ASP B 224 -23.97 -2.66 -36.11
C ASP B 224 -22.70 -2.36 -35.32
N ASN B 225 -22.51 -3.01 -34.16
CA ASN B 225 -21.33 -2.79 -33.33
C ASN B 225 -21.33 -1.40 -32.70
N ARG B 226 -22.50 -0.82 -32.47
CA ARG B 226 -22.63 0.43 -31.72
C ARG B 226 -23.11 0.13 -30.31
N TRP B 227 -22.54 0.87 -29.34
CA TRP B 227 -22.86 0.68 -27.93
C TRP B 227 -23.81 1.77 -27.45
N TRP B 228 -24.78 1.36 -26.64
CA TRP B 228 -25.84 2.24 -26.15
C TRP B 228 -25.83 2.27 -24.64
N TYR B 229 -25.68 3.47 -24.09
CA TYR B 229 -25.54 3.71 -22.65
C TYR B 229 -26.92 3.75 -22.00
N LEU B 230 -27.10 2.94 -20.96
CA LEU B 230 -28.41 2.74 -20.32
C LEU B 230 -28.32 3.11 -18.84
N ASP B 231 -28.72 4.34 -18.51
CA ASP B 231 -28.81 4.80 -17.13
C ASP B 231 -30.26 4.73 -16.68
N SER B 232 -30.50 3.97 -15.60
CA SER B 232 -31.85 3.75 -15.08
C SER B 232 -32.52 5.03 -14.63
N ARG B 233 -31.76 6.10 -14.38
CA ARG B 233 -32.36 7.38 -14.02
C ARG B 233 -32.62 8.28 -15.21
N GLY B 234 -32.19 7.89 -16.40
CA GLY B 234 -32.39 8.67 -17.59
C GLY B 234 -33.69 8.25 -18.26
N LYS B 235 -33.92 8.84 -19.43
CA LYS B 235 -35.16 8.63 -20.18
C LYS B 235 -34.95 7.70 -21.37
N ASN B 236 -33.90 7.90 -22.12
CA ASN B 236 -33.66 7.16 -23.35
C ASN B 236 -32.22 6.66 -23.36
N PRO B 237 -31.96 5.59 -24.12
CA PRO B 237 -30.56 5.20 -24.39
C PRO B 237 -29.84 6.26 -25.22
N VAL B 238 -28.52 6.28 -25.10
CA VAL B 238 -27.73 7.20 -25.92
C VAL B 238 -26.50 6.48 -26.46
N ASN B 239 -26.20 6.71 -27.74
CA ASN B 239 -25.12 6.02 -28.45
C ASN B 239 -23.83 6.82 -28.28
N ILE B 240 -22.84 6.22 -27.58
CA ILE B 240 -21.55 6.85 -27.34
C ILE B 240 -20.44 5.85 -27.62
N ALA B 241 -19.23 6.38 -27.86
CA ALA B 241 -18.07 5.52 -27.97
C ALA B 241 -17.68 4.98 -26.59
N LEU B 242 -17.11 3.77 -26.59
CA LEU B 242 -16.67 3.17 -25.35
C LEU B 242 -15.70 4.05 -24.59
N ALA B 243 -14.92 4.87 -25.29
CA ALA B 243 -13.92 5.71 -24.63
C ALA B 243 -14.54 6.83 -23.80
N ILE B 244 -15.86 7.07 -23.92
CA ILE B 244 -16.52 8.09 -23.13
C ILE B 244 -16.70 7.65 -21.68
N ILE B 245 -16.58 6.35 -21.41
CA ILE B 245 -16.67 5.87 -20.03
C ILE B 245 -15.47 6.40 -19.24
N PRO B 246 -15.67 7.03 -18.08
CA PRO B 246 -14.51 7.57 -17.32
C PRO B 246 -13.49 6.49 -16.97
N ARG B 247 -12.21 6.84 -17.15
CA ARG B 247 -11.15 5.85 -17.07
C ARG B 247 -11.00 5.22 -15.70
N THR B 248 -11.46 5.88 -14.62
CA THR B 248 -11.37 5.28 -13.29
C THR B 248 -12.49 4.28 -12.99
N CYS B 249 -13.53 4.22 -13.83
CA CYS B 249 -14.63 3.31 -13.55
C CYS B 249 -14.23 1.85 -13.70
N THR B 250 -14.95 0.98 -13.00
CA THR B 250 -14.76 -0.45 -13.06
C THR B 250 -15.65 -1.06 -14.13
N LEU B 251 -15.05 -1.87 -15.01
CA LEU B 251 -15.75 -2.51 -16.10
C LEU B 251 -16.01 -3.98 -15.77
N ILE B 252 -17.26 -4.40 -15.86
CA ILE B 252 -17.64 -5.80 -15.61
C ILE B 252 -18.05 -6.41 -16.95
N VAL B 253 -17.42 -7.53 -17.30
CA VAL B 253 -17.55 -8.09 -18.63
C VAL B 253 -17.86 -9.58 -18.55
N PRO B 254 -18.93 -10.06 -19.21
CA PRO B 254 -19.21 -11.49 -19.20
C PRO B 254 -18.22 -12.28 -20.06
N LEU B 255 -17.83 -13.45 -19.54
CA LEU B 255 -16.90 -14.35 -20.22
C LEU B 255 -17.57 -15.44 -21.04
N ASN C 28 2.92 21.81 22.19
CA ASN C 28 1.88 20.96 21.61
C ASN C 28 1.72 21.22 20.11
N PRO C 29 1.97 20.20 19.28
CA PRO C 29 1.96 20.38 17.82
C PRO C 29 0.61 20.30 17.15
N GLN C 30 -0.50 20.16 17.89
CA GLN C 30 -1.77 19.95 17.21
C GLN C 30 -2.16 21.15 16.34
N TRP C 31 -1.68 22.35 16.65
CA TRP C 31 -2.06 23.55 15.91
C TRP C 31 -1.09 23.92 14.79
N LEU C 32 -0.11 23.07 14.49
CA LEU C 32 0.78 23.33 13.36
C LEU C 32 0.10 22.91 12.06
N THR C 33 0.06 23.81 11.09
CA THR C 33 -0.61 23.54 9.83
C THR C 33 0.37 22.97 8.80
N GLU C 34 -0.20 22.24 7.84
CA GLU C 34 0.58 21.74 6.71
C GLU C 34 1.32 22.87 6.03
N GLU C 35 0.66 24.02 5.84
CA GLU C 35 1.28 25.17 5.22
C GLU C 35 2.45 25.71 6.04
N GLN C 36 2.29 25.80 7.37
CA GLN C 36 3.40 26.23 8.21
C GLN C 36 4.58 25.27 8.10
N ILE C 37 4.30 23.96 8.07
CA ILE C 37 5.36 22.98 8.01
C ILE C 37 6.10 23.07 6.68
N LYS C 38 5.36 23.28 5.60
CA LYS C 38 5.97 23.45 4.28
C LYS C 38 6.86 24.70 4.20
N LYS C 39 6.58 25.73 5.00
CA LYS C 39 7.40 26.94 5.00
C LYS C 39 8.67 26.81 5.86
N MET C 40 8.84 25.70 6.57
CA MET C 40 10.00 25.48 7.41
C MET C 40 11.20 25.03 6.59
N SER C 41 12.39 25.26 7.14
CA SER C 41 13.63 24.74 6.58
C SER C 41 13.79 23.25 6.86
N PRO C 42 14.73 22.58 6.18
CA PRO C 42 15.03 21.17 6.52
C PRO C 42 15.30 20.87 8.00
N ASP C 43 16.15 21.66 8.67
CA ASP C 43 16.44 21.38 10.09
C ASP C 43 15.20 21.59 10.95
N GLU C 44 14.38 22.61 10.65
CA GLU C 44 13.15 22.80 11.43
C GLU C 44 12.22 21.60 11.25
N GLN C 45 12.06 21.11 10.01
CA GLN C 45 11.25 19.90 9.78
C GLN C 45 11.84 18.67 10.47
N GLY C 46 13.16 18.50 10.44
CA GLY C 46 13.76 17.35 11.10
C GLY C 46 13.58 17.40 12.62
N ASN C 47 13.62 18.60 13.20
CA ASN C 47 13.34 18.70 14.63
C ASN C 47 11.93 18.20 14.94
N LEU C 48 10.96 18.45 14.05
CA LEU C 48 9.61 17.92 14.27
C LEU C 48 9.60 16.39 14.26
N ILE C 49 10.34 15.78 13.32
CA ILE C 49 10.42 14.31 13.29
C ILE C 49 11.00 13.78 14.59
N ASP C 50 12.17 14.29 14.99
CA ASP C 50 12.88 13.74 16.15
C ASP C 50 12.15 14.06 17.45
N THR C 51 11.23 15.02 17.44
CA THR C 51 10.47 15.32 18.66
C THR C 51 9.11 14.65 18.70
N TYR C 52 8.43 14.49 17.55
CA TYR C 52 7.02 14.14 17.56
C TYR C 52 6.61 12.93 16.72
N ALA C 53 7.46 12.38 15.86
CA ALA C 53 7.04 11.35 14.92
C ALA C 53 6.96 9.94 15.50
N ALA C 54 7.47 9.69 16.70
CA ALA C 54 7.45 8.34 17.25
C ALA C 54 6.04 7.95 17.68
N ARG C 55 5.60 6.77 17.24
CA ARG C 55 4.27 6.31 17.63
C ARG C 55 4.24 5.92 19.10
N LYS C 56 3.05 6.03 19.68
CA LYS C 56 2.78 5.44 20.98
C LYS C 56 2.56 3.94 20.83
N ILE C 57 2.33 3.30 21.98
CA ILE C 57 2.23 1.85 22.05
C ILE C 57 1.03 1.37 21.25
N ASN C 58 -0.09 2.07 21.36
CA ASN C 58 -1.34 1.69 20.72
C ASN C 58 -2.01 2.89 20.08
N ALA C 59 -1.21 3.82 19.54
CA ALA C 59 -1.74 5.00 18.86
C ALA C 59 -0.65 5.56 17.95
N ALA C 60 -1.06 6.42 17.02
CA ALA C 60 -0.08 7.02 16.11
C ALA C 60 0.71 8.10 16.86
N SER C 61 1.66 8.70 16.14
CA SER C 61 2.49 9.75 16.69
C SER C 61 1.67 11.02 16.90
N ASP C 62 2.35 12.12 17.22
CA ASP C 62 1.73 13.42 17.36
C ASP C 62 1.72 14.21 16.06
N LEU C 63 2.08 13.60 14.93
CA LEU C 63 2.00 14.26 13.63
C LEU C 63 1.01 13.52 12.74
N THR C 64 0.09 14.27 12.15
CA THR C 64 -0.92 13.73 11.25
C THR C 64 -0.36 13.54 9.84
N HIS C 65 -1.12 12.79 9.04
CA HIS C 65 -0.73 12.56 7.65
C HIS C 65 -0.62 13.87 6.88
N ALA C 66 -1.57 14.79 7.11
CA ALA C 66 -1.52 16.09 6.43
C ALA C 66 -0.33 16.92 6.89
N GLN C 67 0.00 16.89 8.19
CA GLN C 67 1.19 17.62 8.65
C GLN C 67 2.46 17.05 8.02
N LEU C 68 2.59 15.71 7.99
CA LEU C 68 3.76 15.10 7.38
C LEU C 68 3.83 15.38 5.90
N ARG C 69 2.67 15.54 5.23
CA ARG C 69 2.68 15.85 3.81
C ARG C 69 3.35 17.20 3.53
N GLY C 70 3.37 18.10 4.50
CA GLY C 70 4.07 19.36 4.33
C GLY C 70 5.57 19.24 4.12
N MET C 71 6.14 18.08 4.38
CA MET C 71 7.57 17.87 4.24
C MET C 71 7.94 17.31 2.88
N ILE C 72 6.95 17.07 2.02
CA ILE C 72 7.20 16.46 0.71
C ILE C 72 7.60 17.53 -0.28
N GLY C 73 8.65 17.27 -1.04
CA GLY C 73 9.08 18.18 -2.09
C GLY C 73 8.39 17.93 -3.42
N SER C 74 9.14 17.39 -4.39
CA SER C 74 8.59 17.02 -5.68
C SER C 74 7.79 15.72 -5.61
N THR C 75 6.77 15.63 -6.47
CA THR C 75 6.03 14.39 -6.66
C THR C 75 6.22 13.74 -8.04
N ALA C 76 7.11 14.28 -8.87
CA ALA C 76 7.41 13.68 -10.18
C ALA C 76 8.50 12.62 -9.98
N ALA C 77 8.08 11.46 -9.46
CA ALA C 77 8.97 10.37 -9.07
C ALA C 77 9.25 9.37 -10.19
N SER C 78 9.42 9.83 -11.42
CA SER C 78 9.34 8.88 -12.51
C SER C 78 10.65 8.19 -12.86
N HIS C 79 11.80 8.84 -12.68
CA HIS C 79 13.05 8.14 -12.88
C HIS C 79 13.45 7.22 -11.73
N ILE C 80 12.76 7.26 -10.59
CA ILE C 80 13.13 6.45 -9.44
C ILE C 80 12.06 5.41 -9.20
N ALA C 81 12.48 4.18 -8.84
CA ALA C 81 11.51 3.11 -8.62
C ALA C 81 11.75 2.33 -7.34
N ILE C 82 10.67 1.78 -6.80
CA ILE C 82 10.75 0.70 -5.83
C ILE C 82 10.90 -0.58 -6.63
N VAL C 83 12.12 -1.11 -6.68
CA VAL C 83 12.45 -2.30 -7.45
C VAL C 83 11.97 -3.55 -6.73
N ASN C 84 12.02 -3.56 -5.39
CA ASN C 84 11.60 -4.71 -4.58
C ASN C 84 10.59 -4.23 -3.54
N ALA C 85 9.36 -4.74 -3.64
CA ALA C 85 8.38 -4.65 -2.55
C ALA C 85 8.54 -5.83 -1.61
N GLN C 86 8.13 -5.63 -0.36
CA GLN C 86 8.20 -6.66 0.67
C GLN C 86 7.30 -7.84 0.33
N GLU C 87 7.88 -9.04 0.32
CA GLU C 87 7.14 -10.26 0.03
C GLU C 87 6.53 -10.85 1.31
N THR C 88 5.44 -11.59 1.14
CA THR C 88 4.69 -12.10 2.29
C THR C 88 5.53 -13.12 3.07
N GLY C 89 5.80 -12.80 4.34
CA GLY C 89 6.35 -13.74 5.29
C GLY C 89 7.85 -13.68 5.49
N LEU C 90 8.55 -12.81 4.76
CA LEU C 90 9.99 -12.91 4.59
C LEU C 90 10.68 -11.69 5.20
N GLY C 91 11.62 -11.95 6.11
CA GLY C 91 12.44 -10.91 6.70
C GLY C 91 13.64 -10.58 5.85
N HIS C 92 13.37 -10.19 4.60
CA HIS C 92 14.41 -10.00 3.60
C HIS C 92 14.62 -8.53 3.25
N ALA C 93 14.24 -7.61 4.15
CA ALA C 93 14.39 -6.19 3.86
C ALA C 93 15.86 -5.82 3.62
N GLY C 94 16.81 -6.56 4.17
CA GLY C 94 18.20 -6.26 3.87
C GLY C 94 18.48 -6.40 2.39
N ARG C 95 17.91 -7.44 1.77
CA ARG C 95 18.02 -7.63 0.33
C ARG C 95 17.23 -6.57 -0.45
N TYR C 96 16.01 -6.22 -0.01
CA TYR C 96 15.23 -5.23 -0.75
C TYR C 96 15.91 -3.85 -0.69
N ALA C 97 16.52 -3.52 0.44
CA ALA C 97 17.19 -2.22 0.57
C ALA C 97 18.37 -2.12 -0.38
N ILE C 98 19.12 -3.20 -0.56
CA ILE C 98 20.23 -3.19 -1.50
C ILE C 98 19.73 -2.97 -2.91
N ASN C 99 18.71 -3.74 -3.31
CA ASN C 99 18.20 -3.62 -4.67
C ASN C 99 17.57 -2.24 -4.91
N ASN C 100 16.86 -1.71 -3.93
CA ASN C 100 16.29 -0.36 -4.06
C ASN C 100 17.39 0.69 -4.10
N ALA C 101 18.45 0.55 -3.30
CA ALA C 101 19.54 1.51 -3.36
C ALA C 101 20.22 1.51 -4.74
N LEU C 102 20.45 0.32 -5.31
CA LEU C 102 21.14 0.23 -6.59
C LEU C 102 20.23 0.32 -7.79
N GLN C 103 18.91 0.34 -7.60
CA GLN C 103 17.92 0.50 -8.66
C GLN C 103 17.99 -0.62 -9.70
N GLN C 104 18.21 -1.86 -9.22
CA GLN C 104 18.27 -3.04 -10.08
C GLN C 104 18.14 -4.32 -9.24
N GLU C 105 17.93 -5.44 -9.93
CA GLU C 105 17.90 -6.75 -9.26
C GLU C 105 19.35 -7.21 -9.05
N ALA C 106 20.03 -6.50 -8.16
CA ALA C 106 21.45 -6.77 -7.92
C ALA C 106 21.66 -8.09 -7.16
N LEU C 107 20.78 -8.40 -6.23
CA LEU C 107 20.93 -9.54 -5.33
C LEU C 107 19.65 -10.37 -5.38
N SER C 108 19.74 -11.55 -5.99
CA SER C 108 18.58 -12.44 -6.01
C SER C 108 18.37 -13.05 -4.63
N GLN C 109 17.23 -13.72 -4.47
CA GLN C 109 16.90 -14.31 -3.18
C GLN C 109 17.89 -15.40 -2.82
N ASN C 110 18.21 -16.27 -3.77
CA ASN C 110 19.13 -17.38 -3.52
C ASN C 110 20.55 -16.90 -3.29
N GLU C 111 21.00 -15.87 -4.01
CA GLU C 111 22.30 -15.28 -3.76
C GLU C 111 22.39 -14.70 -2.35
N PHE C 112 21.33 -14.00 -1.93
CA PHE C 112 21.25 -13.42 -0.60
C PHE C 112 21.31 -14.49 0.49
N LEU C 113 20.51 -15.54 0.35
CA LEU C 113 20.50 -16.58 1.38
C LEU C 113 21.80 -17.35 1.39
N SER C 114 22.37 -17.57 0.20
CA SER C 114 23.61 -18.35 0.12
C SER C 114 24.79 -17.59 0.72
N LEU C 115 24.91 -16.28 0.44
CA LEU C 115 26.01 -15.49 1.02
C LEU C 115 25.84 -15.31 2.53
N THR C 116 24.61 -15.14 2.99
CA THR C 116 24.38 -15.08 4.43
C THR C 116 24.84 -16.38 5.10
N GLY C 117 24.48 -17.52 4.52
CA GLY C 117 24.91 -18.79 5.06
C GLY C 117 26.41 -18.94 5.11
N GLN C 118 27.11 -18.52 4.06
CA GLN C 118 28.57 -18.58 4.07
C GLN C 118 29.15 -17.80 5.25
N ILE C 119 28.62 -16.61 5.52
CA ILE C 119 29.15 -15.78 6.62
C ILE C 119 28.97 -16.50 7.95
N PHE C 120 27.79 -17.06 8.18
CA PHE C 120 27.59 -17.76 9.44
C PHE C 120 28.53 -18.96 9.55
N SER C 121 28.76 -19.68 8.45
CA SER C 121 29.62 -20.85 8.61
C SER C 121 31.10 -20.48 8.62
N ASN C 122 31.52 -19.57 7.73
CA ASN C 122 32.95 -19.25 7.66
C ASN C 122 33.42 -18.38 8.81
N GLN C 123 32.62 -17.41 9.24
CA GLN C 123 33.09 -16.46 10.24
C GLN C 123 32.57 -16.74 11.64
N LEU C 124 31.35 -17.26 11.77
CA LEU C 124 30.77 -17.58 13.06
C LEU C 124 30.87 -19.06 13.38
N GLY C 125 31.58 -19.83 12.54
CA GLY C 125 31.85 -21.22 12.84
C GLY C 125 30.64 -22.13 12.90
N MET C 126 29.52 -21.73 12.33
CA MET C 126 28.33 -22.55 12.45
C MET C 126 28.41 -23.75 11.49
N SER C 127 27.86 -24.87 11.95
CA SER C 127 27.93 -26.11 11.20
C SER C 127 26.95 -26.05 10.04
N LEU C 128 27.15 -26.92 9.06
CA LEU C 128 26.31 -26.85 7.87
C LEU C 128 24.87 -27.25 8.17
N ALA C 129 24.65 -28.18 9.10
CA ALA C 129 23.29 -28.51 9.52
C ALA C 129 22.60 -27.32 10.20
N ASP C 130 23.32 -26.59 11.06
CA ASP C 130 22.70 -25.43 11.72
C ASP C 130 22.50 -24.27 10.74
N VAL C 131 23.46 -24.03 9.84
CA VAL C 131 23.23 -23.06 8.77
C VAL C 131 21.96 -23.39 8.00
N LYS C 132 21.73 -24.68 7.73
CA LYS C 132 20.54 -25.06 6.97
C LYS C 132 19.27 -24.70 7.73
N ASN C 133 19.25 -24.92 9.05
CA ASN C 133 18.07 -24.53 9.83
C ASN C 133 17.90 -23.02 9.87
N LEU C 134 19.00 -22.27 9.93
CA LEU C 134 18.87 -20.81 9.97
C LEU C 134 18.25 -20.29 8.68
N ILE C 135 18.58 -20.91 7.55
CA ILE C 135 18.10 -20.43 6.26
C ILE C 135 16.63 -20.79 6.05
N GLN C 136 16.25 -22.02 6.43
CA GLN C 136 14.88 -22.48 6.24
C GLN C 136 13.91 -21.97 7.29
N ASN C 137 14.39 -21.48 8.44
CA ASN C 137 13.50 -21.00 9.50
C ASN C 137 13.13 -19.55 9.22
N GLN C 138 12.06 -19.37 8.41
CA GLN C 138 11.69 -18.05 7.92
C GLN C 138 11.30 -17.10 9.05
N ASP C 139 10.60 -17.61 10.05
CA ASP C 139 10.13 -16.77 11.16
C ASP C 139 11.23 -16.26 12.07
N ASP C 140 12.42 -16.84 12.02
CA ASP C 140 13.52 -16.47 12.92
C ASP C 140 14.64 -15.80 12.14
N PHE C 141 14.51 -15.71 10.83
CA PHE C 141 15.58 -15.18 10.01
C PHE C 141 15.63 -13.66 10.11
N GLY C 142 16.84 -13.13 9.94
CA GLY C 142 17.09 -11.71 10.00
C GLY C 142 18.59 -11.45 10.09
N ILE C 143 19.08 -10.37 9.51
CA ILE C 143 20.51 -10.06 9.48
C ILE C 143 20.71 -8.57 9.77
N ASP C 144 21.98 -8.15 9.82
CA ASP C 144 22.28 -6.81 10.31
C ASP C 144 23.17 -6.02 9.36
N THR C 145 23.64 -4.84 9.81
CA THR C 145 24.43 -3.99 8.94
C THR C 145 25.81 -4.60 8.66
N GLY C 146 26.31 -5.42 9.58
CA GLY C 146 27.58 -6.10 9.32
C GLY C 146 27.47 -7.14 8.23
N VAL C 147 26.37 -7.88 8.19
CA VAL C 147 26.14 -8.83 7.11
C VAL C 147 26.01 -8.09 5.77
N LEU C 148 25.23 -7.01 5.75
CA LEU C 148 25.07 -6.24 4.52
C LEU C 148 26.41 -5.70 4.02
N ALA C 149 27.24 -5.18 4.95
CA ALA C 149 28.53 -4.64 4.53
C ALA C 149 29.40 -5.74 3.91
N GLN C 150 29.33 -6.96 4.46
CA GLN C 150 30.10 -8.07 3.93
C GLN C 150 29.62 -8.49 2.54
N ILE C 151 28.30 -8.50 2.35
CA ILE C 151 27.74 -8.86 1.05
C ILE C 151 28.17 -7.83 0.00
N LEU C 152 28.07 -6.54 0.34
CA LEU C 152 28.42 -5.51 -0.62
C LEU C 152 29.90 -5.59 -1.00
N LYS C 153 30.76 -5.92 -0.03
CA LYS C 153 32.18 -6.02 -0.32
C LYS C 153 32.48 -7.26 -1.17
N GLN C 154 32.03 -8.43 -0.71
CA GLN C 154 32.34 -9.68 -1.41
C GLN C 154 31.74 -9.70 -2.82
N LYS C 155 30.46 -9.38 -2.96
CA LYS C 155 29.83 -9.58 -4.26
C LYS C 155 30.00 -8.40 -5.21
N PHE C 156 29.94 -7.17 -4.69
CA PHE C 156 29.95 -5.98 -5.53
C PHE C 156 31.22 -5.15 -5.37
N ASN C 157 32.19 -5.64 -4.62
CA ASN C 157 33.41 -4.88 -4.32
C ASN C 157 33.09 -3.41 -4.03
N GLN C 158 32.10 -3.21 -3.17
CA GLN C 158 31.67 -1.88 -2.73
C GLN C 158 31.87 -1.75 -1.22
N PRO C 159 32.98 -1.17 -0.75
CA PRO C 159 33.12 -0.89 0.68
C PRO C 159 32.18 0.21 1.15
N VAL C 160 31.81 0.13 2.44
CA VAL C 160 30.89 1.06 3.06
C VAL C 160 31.43 1.49 4.42
N LYS C 161 30.86 2.60 4.93
CA LYS C 161 31.01 3.08 6.29
C LYS C 161 29.62 3.20 6.92
N GLU C 162 29.55 3.24 8.25
CA GLU C 162 28.26 3.43 8.91
C GLU C 162 28.43 4.28 10.16
N SER C 163 27.35 5.00 10.50
CA SER C 163 27.24 5.80 11.70
C SER C 163 25.78 6.12 12.00
N LYS C 164 25.43 6.13 13.29
CA LYS C 164 24.18 6.74 13.71
C LYS C 164 24.23 8.22 13.37
N ILE C 165 23.10 8.78 12.94
CA ILE C 165 23.06 10.20 12.58
C ILE C 165 23.42 11.07 13.78
N CYS C 166 22.94 10.69 14.98
CA CYS C 166 23.18 11.48 16.19
C CYS C 166 24.64 11.47 16.60
N ASP C 167 25.42 10.50 16.14
CA ASP C 167 26.84 10.49 16.46
C ASP C 167 27.70 11.29 15.46
N LEU C 168 27.13 11.83 14.40
CA LEU C 168 27.96 12.57 13.45
C LEU C 168 28.44 13.87 14.11
N PRO C 169 29.65 14.30 13.79
CA PRO C 169 30.19 15.51 14.45
C PRO C 169 29.39 16.75 14.08
N ASP C 170 29.19 17.62 15.06
CA ASP C 170 28.48 18.90 14.85
C ASP C 170 27.06 18.62 14.36
N CYS C 171 26.50 17.44 14.67
CA CYS C 171 25.10 17.22 14.33
C CYS C 171 24.21 18.27 14.97
N ALA C 172 24.60 18.74 16.16
CA ALA C 172 23.80 19.71 16.91
C ALA C 172 23.77 21.07 16.22
N LEU C 173 24.83 21.44 15.48
CA LEU C 173 24.83 22.72 14.78
C LEU C 173 23.91 22.68 13.55
N SER C 174 23.74 21.51 12.94
CA SER C 174 22.83 21.34 11.82
C SER C 174 22.79 19.88 11.38
N LYS C 175 21.64 19.24 11.56
CA LYS C 175 21.50 17.84 11.16
C LYS C 175 21.62 17.68 9.65
N GLN C 176 20.98 18.58 8.88
CA GLN C 176 21.04 18.52 7.42
C GLN C 176 22.49 18.60 6.93
N GLN C 177 23.26 19.55 7.45
CA GLN C 177 24.64 19.69 6.99
C GLN C 177 25.49 18.47 7.37
N ALA C 178 25.30 17.95 8.58
CA ALA C 178 26.09 16.81 9.01
C ALA C 178 25.83 15.60 8.14
N VAL C 179 24.56 15.34 7.80
CA VAL C 179 24.23 14.18 6.97
C VAL C 179 24.74 14.38 5.54
N GLU C 180 24.51 15.56 4.96
CA GLU C 180 25.06 15.84 3.65
C GLU C 180 26.58 15.61 3.63
N ASN C 181 27.27 16.09 4.68
CA ASN C 181 28.74 16.02 4.68
C ASN C 181 29.22 14.57 4.73
N TYR C 182 28.57 13.75 5.55
CA TYR C 182 28.91 12.34 5.65
C TYR C 182 28.62 11.60 4.35
N ILE C 183 27.48 11.89 3.72
CA ILE C 183 27.11 11.18 2.50
C ILE C 183 28.04 11.55 1.35
N GLY C 184 28.44 12.82 1.28
CA GLY C 184 29.36 13.24 0.22
C GLY C 184 28.81 13.05 -1.18
N LYS C 185 29.57 12.37 -2.03
CA LYS C 185 29.18 12.22 -3.43
C LYS C 185 28.39 10.95 -3.71
N ALA C 186 28.08 10.17 -2.69
CA ALA C 186 27.34 8.93 -2.90
C ALA C 186 25.93 9.21 -3.44
N LYS C 187 25.43 8.26 -4.23
CA LYS C 187 24.12 8.34 -4.85
C LYS C 187 23.06 7.47 -4.17
N TRP C 188 23.43 6.75 -3.11
CA TRP C 188 22.46 6.00 -2.32
C TRP C 188 22.94 5.88 -0.89
N VAL C 189 22.00 5.64 0.02
CA VAL C 189 22.30 5.30 1.40
C VAL C 189 21.28 4.26 1.84
N ILE C 190 21.67 3.41 2.80
CA ILE C 190 20.76 2.43 3.39
C ILE C 190 20.61 2.81 4.86
N VAL C 191 19.37 2.74 5.36
CA VAL C 191 19.01 3.21 6.68
C VAL C 191 18.49 2.02 7.46
N ALA C 192 18.99 1.83 8.67
CA ALA C 192 18.54 0.76 9.55
C ALA C 192 17.97 1.41 10.82
N ASN C 193 16.73 1.04 11.15
CA ASN C 193 16.06 1.55 12.34
C ASN C 193 16.21 0.48 13.42
N ILE C 194 17.32 0.56 14.16
CA ILE C 194 17.62 -0.31 15.29
C ILE C 194 17.15 0.35 16.58
N GLY C 195 16.26 -0.31 17.31
CA GLY C 195 15.66 0.26 18.49
C GLY C 195 14.23 -0.19 18.62
N THR C 196 13.51 0.38 19.56
CA THR C 196 12.13 -0.02 19.83
C THR C 196 11.10 0.90 19.17
N GLU C 197 11.50 1.97 18.49
CA GLU C 197 10.55 3.00 18.09
C GLU C 197 10.08 2.84 16.65
N VAL C 198 8.81 3.18 16.42
CA VAL C 198 8.17 3.20 15.12
C VAL C 198 7.90 4.67 14.78
N PHE C 199 8.43 5.13 13.64
CA PHE C 199 8.38 6.54 13.28
C PHE C 199 7.38 6.75 12.13
N ASP C 200 6.39 7.61 12.33
CA ASP C 200 5.58 8.08 11.20
C ASP C 200 6.45 8.89 10.25
N MET C 201 6.21 8.75 8.95
CA MET C 201 7.03 9.39 7.92
C MET C 201 6.17 9.99 6.84
N PRO C 202 6.67 11.00 6.11
CA PRO C 202 5.91 11.60 5.02
C PRO C 202 5.55 10.57 3.95
N SER C 203 4.33 10.70 3.42
CA SER C 203 3.84 9.84 2.35
C SER C 203 3.11 10.68 1.31
N SER C 204 3.38 10.41 0.05
CA SER C 204 2.75 11.12 -1.06
C SER C 204 1.44 10.47 -1.51
N THR C 205 0.81 9.65 -0.67
CA THR C 205 -0.43 9.00 -1.03
C THR C 205 -1.44 9.17 0.11
N HIS C 206 -2.44 8.30 0.15
CA HIS C 206 -3.53 8.49 1.10
C HIS C 206 -3.19 8.02 2.51
N ALA C 207 -2.37 6.98 2.67
CA ALA C 207 -2.08 6.37 3.95
C ALA C 207 -0.70 6.75 4.47
N VAL C 208 -0.50 6.54 5.78
CA VAL C 208 0.81 6.70 6.42
C VAL C 208 1.53 5.35 6.38
N TYR C 209 2.80 5.35 5.95
CA TYR C 209 3.65 4.17 5.90
C TYR C 209 4.84 4.38 6.84
N PRO C 210 4.71 3.97 8.10
CA PRO C 210 5.74 4.30 9.09
C PRO C 210 6.98 3.45 8.92
N LEU C 211 8.09 3.99 9.42
CA LEU C 211 9.36 3.27 9.51
C LEU C 211 9.35 2.39 10.75
N THR C 212 9.10 1.09 10.59
CA THR C 212 8.88 0.24 11.75
C THR C 212 10.21 -0.19 12.37
N ARG C 213 10.11 -0.74 13.58
CA ARG C 213 11.30 -1.11 14.35
C ARG C 213 11.97 -2.35 13.75
N GLY C 214 13.31 -2.32 13.73
CA GLY C 214 14.05 -3.48 13.23
C GLY C 214 14.00 -3.68 11.73
N HIS C 215 14.03 -2.59 10.97
CA HIS C 215 13.75 -2.56 9.54
C HIS C 215 14.83 -1.81 8.80
N PHE C 216 15.00 -2.16 7.52
CA PHE C 216 15.89 -1.48 6.58
C PHE C 216 15.07 -0.76 5.50
N VAL C 217 15.46 0.46 5.16
CA VAL C 217 14.96 1.18 3.99
C VAL C 217 16.17 1.79 3.29
N ALA C 218 15.93 2.43 2.14
CA ALA C 218 16.98 3.04 1.34
C ALA C 218 16.55 4.42 0.85
N LEU C 219 17.54 5.24 0.44
CA LEU C 219 17.27 6.48 -0.27
C LEU C 219 18.19 6.57 -1.48
N ARG C 220 17.66 7.13 -2.58
CA ARG C 220 18.36 7.21 -3.86
C ARG C 220 18.36 8.66 -4.34
N ARG C 221 19.50 9.11 -4.81
CA ARG C 221 19.73 10.48 -5.25
C ARG C 221 19.60 10.55 -6.77
N ASP C 222 18.93 11.58 -7.28
CA ASP C 222 18.78 11.72 -8.73
C ASP C 222 19.67 12.85 -9.24
N ALA C 223 19.59 13.09 -10.55
CA ALA C 223 20.46 14.05 -11.22
C ALA C 223 20.12 15.49 -10.87
N ASP C 224 18.94 15.73 -10.29
CA ASP C 224 18.56 17.06 -9.80
C ASP C 224 18.98 17.27 -8.33
N ASN C 225 19.77 16.35 -7.78
CA ASN C 225 20.26 16.40 -6.39
C ASN C 225 19.12 16.29 -5.38
N ARG C 226 18.04 15.58 -5.76
CA ARG C 226 16.93 15.32 -4.85
C ARG C 226 17.02 13.89 -4.33
N TRP C 227 16.68 13.69 -3.07
CA TRP C 227 16.74 12.37 -2.45
C TRP C 227 15.34 11.77 -2.35
N TRP C 228 15.25 10.46 -2.68
CA TRP C 228 13.97 9.75 -2.73
C TRP C 228 14.00 8.57 -1.75
N TYR C 229 13.04 8.57 -0.81
CA TYR C 229 12.90 7.58 0.25
C TYR C 229 12.14 6.37 -0.27
N LEU C 230 12.74 5.19 -0.13
CA LEU C 230 12.22 3.96 -0.71
C LEU C 230 12.04 2.90 0.37
N ASP C 231 10.82 2.71 0.85
CA ASP C 231 10.48 1.66 1.81
C ASP C 231 9.80 0.53 1.03
N SER C 232 10.34 -0.68 1.14
CA SER C 232 9.73 -1.82 0.48
C SER C 232 8.32 -2.11 1.01
N ARG C 233 8.00 -1.61 2.20
CA ARG C 233 6.68 -1.75 2.78
C ARG C 233 5.76 -0.58 2.44
N GLY C 234 6.25 0.39 1.65
CA GLY C 234 5.46 1.53 1.22
C GLY C 234 4.86 1.34 -0.17
N LYS C 235 4.27 2.42 -0.67
CA LYS C 235 3.66 2.41 -1.99
C LYS C 235 4.49 3.09 -3.07
N ASN C 236 5.03 4.27 -2.81
CA ASN C 236 5.73 5.05 -3.83
C ASN C 236 7.00 5.67 -3.25
N PRO C 237 7.96 6.02 -4.12
CA PRO C 237 9.06 6.87 -3.65
C PRO C 237 8.52 8.22 -3.20
N VAL C 238 9.18 8.84 -2.23
CA VAL C 238 8.80 10.16 -1.78
C VAL C 238 10.04 11.00 -1.59
N ASN C 239 9.99 12.26 -2.08
CA ASN C 239 11.12 13.19 -2.05
C ASN C 239 11.08 13.98 -0.75
N ILE C 240 12.09 13.76 0.12
CA ILE C 240 12.19 14.42 1.42
C ILE C 240 13.61 14.90 1.62
N ALA C 241 13.76 15.83 2.56
CA ALA C 241 15.10 16.23 2.99
C ALA C 241 15.78 15.13 3.79
N LEU C 242 17.10 15.06 3.65
CA LEU C 242 17.91 14.13 4.44
C LEU C 242 17.67 14.33 5.93
N ALA C 243 17.38 15.55 6.37
CA ALA C 243 17.15 15.82 7.79
C ALA C 243 15.87 15.18 8.32
N ILE C 244 15.02 14.65 7.46
CA ILE C 244 13.80 13.93 7.87
C ILE C 244 14.08 12.50 8.38
N ILE C 245 15.24 11.93 8.10
CA ILE C 245 15.56 10.58 8.62
C ILE C 245 15.67 10.67 10.14
N PRO C 246 14.97 9.85 10.91
CA PRO C 246 15.08 9.96 12.38
C PRO C 246 16.53 9.80 12.85
N ARG C 247 16.93 10.67 13.81
CA ARG C 247 18.33 10.84 14.18
C ARG C 247 18.95 9.61 14.85
N THR C 248 18.14 8.71 15.43
CA THR C 248 18.70 7.50 16.03
C THR C 248 19.03 6.41 15.00
N CYS C 249 18.60 6.55 13.75
CA CYS C 249 18.86 5.50 12.77
C CYS C 249 20.33 5.43 12.38
N THR C 250 20.75 4.24 11.96
CA THR C 250 22.11 3.99 11.49
C THR C 250 22.14 4.12 9.97
N LEU C 251 23.14 4.83 9.46
CA LEU C 251 23.29 5.13 8.04
C LEU C 251 24.43 4.29 7.46
N ILE C 252 24.18 3.61 6.35
CA ILE C 252 25.22 2.88 5.63
C ILE C 252 25.47 3.64 4.33
N VAL C 253 26.73 3.97 4.06
CA VAL C 253 27.10 4.86 2.96
C VAL C 253 28.23 4.24 2.14
N PRO C 254 28.08 4.12 0.83
CA PRO C 254 29.16 3.60 -0.01
C PRO C 254 30.31 4.58 -0.14
N LEU C 255 31.52 4.04 -0.13
CA LEU C 255 32.72 4.82 -0.38
C LEU C 255 33.06 4.74 -1.88
#